data_2VYU
#
_entry.id   2VYU
#
_cell.length_a   45.060
_cell.length_b   112.730
_cell.length_c   79.500
_cell.angle_alpha   90.00
_cell.angle_beta   90.00
_cell.angle_gamma   90.00
#
_symmetry.space_group_name_H-M   'P 21 21 2'
#
loop_
_entity.id
_entity.type
_entity.pdbx_description
1 polymer 'CHOLINE BINDING PROTEIN F'
2 non-polymer 'CHOLINE ION'
3 water water
#
_entity_poly.entity_id   1
_entity_poly.type   'polypeptide(L)'
_entity_poly.pdbx_seq_one_letter_code
;MKLLKKMMQVLLAVFFFGLLATNTVFANTTGGRFVDKDNRKYYVKDDHKAIYWHKIDGKTYYFGDIGEMVVGWQYLEIPG
TGYRDNLFDNQPVNEIGLQEKWYYFGQDGALLEQTDKQVLEAKTSENTGKVYGEQYPLSAEKRTYYFDNNYAVKTGWIYE
DGNWYYLNKLGNFGDDSYNPLPIGEVAKGWTQDFHVTIDIDRSKPAPWYYLDASGKMLTDWQKVNGKWYYFGSSGSMATG
WKYVRGKWYYLDNKNGDMKTGWQYLGNKWYYLRSSGAMVTGWYQDGLTWYYLNAGNGDMKTGWFQVNGKWYYAYSSGALA
VNTTVDGYSVNYNGEWVQ
;
_entity_poly.pdbx_strand_id   A
#
loop_
_chem_comp.id
_chem_comp.type
_chem_comp.name
_chem_comp.formula
CHT non-polymer 'CHOLINE ION' 'C5 H14 N O 1'
#
# COMPACT_ATOMS: atom_id res chain seq x y z
N ASN A 28 -16.21 -16.70 33.51
CA ASN A 28 -14.81 -16.53 34.01
C ASN A 28 -14.77 -15.73 35.32
N THR A 29 -15.13 -14.46 35.28
CA THR A 29 -15.13 -13.62 36.48
C THR A 29 -16.52 -13.58 37.12
N THR A 30 -16.59 -13.79 38.43
CA THR A 30 -17.86 -13.76 39.14
C THR A 30 -17.68 -13.31 40.58
N GLY A 31 -18.80 -13.20 41.30
CA GLY A 31 -18.75 -12.80 42.70
C GLY A 31 -18.56 -11.32 42.94
N GLY A 32 -18.49 -10.56 41.86
CA GLY A 32 -18.31 -9.12 41.99
C GLY A 32 -19.55 -8.40 41.51
N ARG A 33 -19.47 -7.08 41.43
CA ARG A 33 -20.62 -6.30 40.99
C ARG A 33 -20.16 -4.98 40.40
N PHE A 34 -20.76 -4.60 39.26
CA PHE A 34 -20.42 -3.35 38.62
C PHE A 34 -20.74 -2.20 39.57
N VAL A 35 -19.90 -1.16 39.55
CA VAL A 35 -20.10 -0.02 40.43
C VAL A 35 -19.89 1.34 39.76
N ASP A 36 -20.74 2.31 40.11
CA ASP A 36 -20.62 3.67 39.60
C ASP A 36 -19.88 4.45 40.67
N LYS A 37 -18.84 5.18 40.29
CA LYS A 37 -18.05 5.91 41.26
C LYS A 37 -17.06 6.85 40.54
N ASP A 38 -16.91 8.06 41.07
CA ASP A 38 -16.03 9.06 40.49
C ASP A 38 -16.22 9.22 38.98
N ASN A 39 -17.49 9.30 38.58
CA ASN A 39 -17.87 9.46 37.18
C ASN A 39 -17.39 8.36 36.24
N ARG A 40 -17.11 7.19 36.79
CA ARG A 40 -16.65 6.05 36.00
C ARG A 40 -17.38 4.78 36.41
N LYS A 41 -17.18 3.71 35.65
CA LYS A 41 -17.81 2.42 35.96
C LYS A 41 -16.71 1.42 36.23
N TYR A 42 -16.80 0.72 37.36
CA TYR A 42 -15.81 -0.27 37.74
C TYR A 42 -16.52 -1.58 38.01
N TYR A 43 -15.76 -2.65 38.16
CA TYR A 43 -16.32 -3.95 38.50
C TYR A 43 -15.55 -4.34 39.76
N VAL A 44 -16.21 -4.23 40.91
CA VAL A 44 -15.56 -4.52 42.18
C VAL A 44 -15.91 -5.86 42.79
N LYS A 45 -14.89 -6.55 43.26
CA LYS A 45 -15.02 -7.84 43.92
C LYS A 45 -14.11 -7.79 45.14
N ASP A 46 -14.70 -7.91 46.32
CA ASP A 46 -13.94 -7.86 47.57
C ASP A 46 -13.13 -6.57 47.68
N ASP A 47 -13.74 -5.45 47.32
CA ASP A 47 -13.07 -4.14 47.37
C ASP A 47 -11.87 -4.02 46.45
N HIS A 48 -11.89 -4.77 45.36
CA HIS A 48 -10.80 -4.72 44.41
C HIS A 48 -11.37 -4.50 43.01
N LYS A 49 -10.86 -3.48 42.33
CA LYS A 49 -11.30 -3.15 40.99
C LYS A 49 -10.67 -4.08 39.97
N ALA A 50 -11.49 -4.66 39.11
CA ALA A 50 -10.99 -5.51 38.06
C ALA A 50 -10.20 -4.62 37.13
N ILE A 51 -9.24 -5.20 36.42
CA ILE A 51 -8.45 -4.44 35.46
C ILE A 51 -8.26 -5.29 34.21
N TYR A 52 -7.95 -4.62 33.11
CA TYR A 52 -7.74 -5.27 31.82
C TYR A 52 -8.91 -6.14 31.37
N TRP A 53 -8.62 -7.24 30.69
CA TRP A 53 -9.68 -8.11 30.17
C TRP A 53 -10.41 -9.02 31.14
N HIS A 54 -11.73 -9.05 31.01
CA HIS A 54 -12.60 -9.87 31.84
C HIS A 54 -13.81 -10.35 31.07
N LYS A 55 -14.23 -11.58 31.34
CA LYS A 55 -15.42 -12.13 30.71
C LYS A 55 -16.42 -12.28 31.85
N ILE A 56 -17.50 -11.50 31.79
CA ILE A 56 -18.50 -11.53 32.85
C ILE A 56 -19.91 -11.85 32.39
N ASP A 57 -20.39 -13.03 32.81
CA ASP A 57 -21.74 -13.51 32.50
C ASP A 57 -22.12 -13.41 31.02
N GLY A 58 -21.31 -14.00 30.14
CA GLY A 58 -21.61 -13.99 28.72
C GLY A 58 -21.18 -12.78 27.92
N LYS A 59 -20.53 -11.82 28.57
CA LYS A 59 -20.08 -10.62 27.87
C LYS A 59 -18.62 -10.33 28.22
N THR A 60 -17.92 -9.65 27.32
CA THR A 60 -16.52 -9.31 27.53
C THR A 60 -16.30 -7.82 27.74
N TYR A 61 -15.53 -7.49 28.77
CA TYR A 61 -15.22 -6.10 29.10
C TYR A 61 -13.72 -5.88 29.29
N TYR A 62 -13.31 -4.62 29.25
CA TYR A 62 -11.92 -4.24 29.44
C TYR A 62 -11.90 -3.07 30.41
N PHE A 63 -11.13 -3.19 31.49
CA PHE A 63 -11.10 -2.12 32.48
C PHE A 63 -9.79 -1.35 32.57
N GLY A 64 -8.88 -1.57 31.63
CA GLY A 64 -7.62 -0.85 31.63
C GLY A 64 -6.70 -1.14 32.81
N ASP A 65 -5.80 -0.21 33.10
CA ASP A 65 -4.83 -0.39 34.18
C ASP A 65 -5.29 -0.01 35.58
N ILE A 66 -6.42 0.70 35.71
CA ILE A 66 -6.90 1.06 37.05
C ILE A 66 -8.39 0.80 37.28
N GLY A 67 -9.05 0.12 36.34
CA GLY A 67 -10.45 -0.21 36.53
C GLY A 67 -11.52 0.45 35.68
N GLU A 68 -11.25 1.61 35.10
CA GLU A 68 -12.23 2.32 34.29
C GLU A 68 -12.75 1.55 33.09
N MET A 69 -14.04 1.25 33.08
CA MET A 69 -14.67 0.50 31.99
C MET A 69 -14.65 1.28 30.68
N VAL A 70 -14.17 0.64 29.62
CA VAL A 70 -14.07 1.27 28.31
C VAL A 70 -15.31 1.06 27.42
N VAL A 71 -15.46 1.96 26.44
CA VAL A 71 -16.56 1.93 25.47
C VAL A 71 -16.09 2.45 24.11
N GLY A 72 -16.69 1.95 23.03
CA GLY A 72 -16.33 2.40 21.69
C GLY A 72 -15.02 1.84 21.17
N TRP A 73 -14.36 2.57 20.28
CA TRP A 73 -13.09 2.13 19.69
C TRP A 73 -11.97 2.10 20.72
N GLN A 74 -11.20 1.02 20.72
CA GLN A 74 -10.07 0.85 21.64
C GLN A 74 -8.90 0.12 21.00
N TYR A 75 -7.69 0.61 21.20
CA TYR A 75 -6.50 -0.05 20.65
C TYR A 75 -5.90 -0.72 21.89
N LEU A 76 -6.02 -2.04 21.99
CA LEU A 76 -5.52 -2.73 23.17
C LEU A 76 -4.70 -3.98 22.92
N GLU A 77 -4.04 -4.46 23.97
CA GLU A 77 -3.24 -5.67 23.91
C GLU A 77 -4.24 -6.81 23.70
N ILE A 78 -3.87 -7.80 22.89
CA ILE A 78 -4.75 -8.91 22.62
C ILE A 78 -5.07 -9.71 23.86
N PRO A 79 -6.33 -10.13 24.01
CA PRO A 79 -6.83 -10.92 25.15
C PRO A 79 -6.65 -12.43 24.97
N GLY A 80 -6.85 -13.18 26.06
CA GLY A 80 -6.76 -14.63 26.02
C GLY A 80 -5.49 -15.29 26.56
N THR A 81 -4.38 -14.57 26.58
CA THR A 81 -3.11 -15.13 27.05
C THR A 81 -3.06 -15.38 28.55
N GLY A 82 -3.71 -14.52 29.32
CA GLY A 82 -3.69 -14.66 30.77
C GLY A 82 -2.95 -13.51 31.42
N TYR A 83 -2.00 -12.93 30.70
CA TYR A 83 -1.21 -11.83 31.23
C TYR A 83 -2.02 -10.53 31.38
N ARG A 84 -3.16 -10.45 30.71
CA ARG A 84 -4.01 -9.26 30.79
C ARG A 84 -5.45 -9.73 30.90
N ASP A 85 -5.65 -10.81 31.64
CA ASP A 85 -6.97 -11.39 31.80
C ASP A 85 -7.21 -11.81 33.25
N ASN A 86 -8.46 -11.75 33.69
CA ASN A 86 -8.79 -12.11 35.06
C ASN A 86 -7.91 -11.43 36.09
N LEU A 87 -7.55 -10.18 35.86
CA LEU A 87 -6.71 -9.47 36.81
C LEU A 87 -7.48 -8.41 37.59
N PHE A 88 -7.01 -8.16 38.81
CA PHE A 88 -7.58 -7.16 39.70
C PHE A 88 -6.45 -6.24 40.15
N ASP A 89 -6.78 -5.03 40.59
CA ASP A 89 -5.75 -4.10 41.01
C ASP A 89 -4.92 -4.64 42.18
N ASN A 90 -5.38 -5.71 42.79
CA ASN A 90 -4.68 -6.32 43.92
C ASN A 90 -3.86 -7.53 43.47
N GLN A 91 -3.23 -7.42 42.29
CA GLN A 91 -2.44 -8.53 41.75
C GLN A 91 -1.25 -8.03 40.92
N PRO A 92 -0.22 -8.88 40.80
CA PRO A 92 0.99 -8.56 40.03
C PRO A 92 0.70 -8.61 38.53
N VAL A 93 1.17 -7.60 37.78
CA VAL A 93 0.95 -7.56 36.34
C VAL A 93 2.26 -7.79 35.58
N ASN A 94 2.30 -8.90 34.85
CA ASN A 94 3.48 -9.28 34.07
C ASN A 94 3.95 -8.15 33.14
N GLU A 95 5.25 -7.89 33.18
CA GLU A 95 5.87 -6.83 32.38
C GLU A 95 5.79 -7.05 30.87
N ILE A 96 5.37 -8.23 30.45
CA ILE A 96 5.28 -8.51 29.03
C ILE A 96 4.44 -7.47 28.29
N GLY A 97 4.93 -7.03 27.14
CA GLY A 97 4.21 -6.06 26.34
C GLY A 97 3.56 -6.80 25.19
N LEU A 98 2.26 -7.07 25.31
CA LEU A 98 1.53 -7.82 24.30
C LEU A 98 1.17 -7.04 23.03
N GLN A 99 1.01 -7.78 21.94
CA GLN A 99 0.63 -7.21 20.66
C GLN A 99 -0.68 -6.45 20.89
N GLU A 100 -0.95 -5.44 20.06
CA GLU A 100 -2.17 -4.66 20.20
C GLU A 100 -2.94 -4.64 18.90
N LYS A 101 -4.26 -4.49 19.01
CA LYS A 101 -5.15 -4.43 17.86
C LYS A 101 -6.36 -3.59 18.24
N TRP A 102 -7.17 -3.23 17.24
CA TRP A 102 -8.36 -2.44 17.49
C TRP A 102 -9.55 -3.31 17.84
N TYR A 103 -10.36 -2.83 18.78
CA TYR A 103 -11.57 -3.54 19.19
C TYR A 103 -12.67 -2.51 19.43
N TYR A 104 -13.92 -2.93 19.29
CA TYR A 104 -15.03 -2.02 19.50
C TYR A 104 -15.91 -2.52 20.64
N PHE A 105 -16.21 -1.64 21.57
CA PHE A 105 -17.06 -1.99 22.71
C PHE A 105 -18.36 -1.19 22.62
N GLY A 106 -19.46 -1.80 23.04
CA GLY A 106 -20.72 -1.10 23.00
C GLY A 106 -20.72 -0.02 24.06
N GLN A 107 -21.73 0.84 24.04
CA GLN A 107 -21.82 1.91 25.04
C GLN A 107 -21.98 1.33 26.44
N ASP A 108 -22.31 0.04 26.53
CA ASP A 108 -22.47 -0.62 27.82
C ASP A 108 -21.17 -1.31 28.22
N GLY A 109 -20.13 -1.11 27.42
CA GLY A 109 -18.84 -1.72 27.71
C GLY A 109 -18.67 -3.14 27.20
N ALA A 110 -19.72 -3.71 26.61
CA ALA A 110 -19.65 -5.07 26.10
C ALA A 110 -18.97 -5.17 24.74
N LEU A 111 -17.93 -5.99 24.68
CA LEU A 111 -17.18 -6.19 23.44
C LEU A 111 -18.05 -6.62 22.27
N LEU A 112 -17.78 -6.06 21.09
CA LEU A 112 -18.52 -6.44 19.89
C LEU A 112 -17.83 -7.68 19.37
N GLU A 113 -18.50 -8.83 19.48
CA GLU A 113 -17.92 -10.10 19.05
C GLU A 113 -18.26 -10.42 17.60
N GLN A 114 -17.76 -9.58 16.70
CA GLN A 114 -18.00 -9.72 15.28
C GLN A 114 -16.82 -10.42 14.61
N THR A 115 -17.13 -11.35 13.71
CA THR A 115 -16.09 -12.10 13.00
C THR A 115 -16.17 -11.85 11.50
N ASP A 116 -16.99 -10.89 11.10
CA ASP A 116 -17.13 -10.57 9.68
C ASP A 116 -17.05 -9.08 9.38
N LYS A 117 -18.14 -8.34 9.57
CA LYS A 117 -18.11 -6.90 9.30
C LYS A 117 -19.10 -6.06 10.10
N GLN A 118 -18.83 -4.77 10.17
CA GLN A 118 -19.69 -3.87 10.90
C GLN A 118 -19.53 -2.43 10.42
N VAL A 119 -20.64 -1.69 10.39
CA VAL A 119 -20.63 -0.30 9.99
C VAL A 119 -20.41 0.47 11.28
N LEU A 120 -19.27 1.16 11.38
CA LEU A 120 -18.92 1.92 12.58
C LEU A 120 -18.38 3.29 12.21
N GLU A 121 -18.31 4.20 13.19
CA GLU A 121 -17.80 5.53 12.90
C GLU A 121 -16.29 5.54 12.74
N ALA A 122 -15.82 6.25 11.70
CA ALA A 122 -14.39 6.33 11.43
C ALA A 122 -13.58 6.63 12.67
N LYS A 123 -12.54 5.83 12.90
CA LYS A 123 -11.69 6.02 14.07
C LYS A 123 -11.00 7.36 13.97
N THR A 124 -11.21 8.21 14.97
CA THR A 124 -10.59 9.54 15.03
C THR A 124 -10.01 9.71 16.43
N SER A 125 -9.31 10.81 16.65
CA SER A 125 -8.74 11.08 17.96
C SER A 125 -9.81 11.30 19.02
N GLU A 126 -10.97 11.82 18.62
CA GLU A 126 -12.04 12.08 19.56
C GLU A 126 -12.87 10.87 19.99
N ASN A 127 -13.01 9.89 19.09
CA ASN A 127 -13.82 8.73 19.41
C ASN A 127 -13.05 7.46 19.72
N THR A 128 -11.81 7.57 20.16
CA THR A 128 -11.05 6.37 20.49
C THR A 128 -10.54 6.42 21.93
N GLY A 129 -10.45 5.26 22.57
CA GLY A 129 -9.95 5.18 23.93
C GLY A 129 -10.77 5.85 25.02
N LYS A 130 -12.02 6.20 24.72
CA LYS A 130 -12.86 6.83 25.72
C LYS A 130 -13.34 5.80 26.75
N VAL A 131 -13.97 6.28 27.82
CA VAL A 131 -14.46 5.37 28.85
C VAL A 131 -15.87 5.75 29.29
N TYR A 132 -16.55 4.80 29.92
CA TYR A 132 -17.90 5.04 30.42
C TYR A 132 -17.84 6.28 31.33
N GLY A 133 -18.75 7.22 31.13
CA GLY A 133 -18.75 8.42 31.95
C GLY A 133 -18.32 9.67 31.22
N GLU A 134 -17.71 9.52 30.05
CA GLU A 134 -17.27 10.67 29.27
C GLU A 134 -18.37 11.03 28.27
N GLN A 135 -18.37 12.28 27.83
CA GLN A 135 -19.37 12.77 26.88
C GLN A 135 -19.20 12.15 25.50
N TYR A 136 -20.26 12.17 24.71
CA TYR A 136 -20.22 11.63 23.35
C TYR A 136 -19.09 12.31 22.58
N PRO A 137 -18.30 11.52 21.83
CA PRO A 137 -17.16 11.98 21.02
C PRO A 137 -17.41 13.21 20.16
N LEU A 138 -17.71 12.94 18.90
CA LEU A 138 -17.96 13.97 17.91
C LEU A 138 -18.06 13.17 16.63
N SER A 139 -19.26 13.08 16.07
CA SER A 139 -19.52 12.33 14.85
C SER A 139 -18.34 12.39 13.86
N ALA A 140 -18.03 11.25 13.27
CA ALA A 140 -16.91 11.19 12.35
C ALA A 140 -17.26 10.90 10.91
N GLU A 141 -18.08 9.88 10.69
CA GLU A 141 -18.47 9.44 9.36
C GLU A 141 -18.54 7.93 9.51
N LYS A 142 -19.58 7.30 9.01
CA LYS A 142 -19.70 5.86 9.13
C LYS A 142 -18.92 5.13 8.05
N ARG A 143 -18.24 4.05 8.43
CA ARG A 143 -17.45 3.27 7.50
C ARG A 143 -17.58 1.78 7.79
N THR A 144 -17.20 0.96 6.82
CA THR A 144 -17.26 -0.49 6.96
C THR A 144 -15.95 -1.04 7.48
N TYR A 145 -16.00 -1.77 8.58
CA TYR A 145 -14.81 -2.40 9.14
C TYR A 145 -14.98 -3.91 9.10
N TYR A 146 -13.89 -4.59 8.78
CA TYR A 146 -13.89 -6.05 8.71
C TYR A 146 -13.19 -6.57 9.95
N PHE A 147 -13.62 -7.72 10.45
CA PHE A 147 -13.01 -8.29 11.64
C PHE A 147 -12.46 -9.69 11.42
N ASP A 148 -11.51 -10.09 12.26
CA ASP A 148 -10.93 -11.43 12.15
C ASP A 148 -11.70 -12.36 13.07
N ASN A 149 -11.33 -13.64 13.12
CA ASN A 149 -12.06 -14.58 13.96
C ASN A 149 -11.93 -14.43 15.46
N ASN A 150 -11.18 -13.42 15.91
CA ASN A 150 -11.02 -13.19 17.33
C ASN A 150 -11.49 -11.81 17.75
N TYR A 151 -12.40 -11.26 16.94
CA TYR A 151 -13.01 -9.96 17.22
C TYR A 151 -12.12 -8.74 17.10
N ALA A 152 -10.93 -8.89 16.52
CA ALA A 152 -10.03 -7.75 16.36
C ALA A 152 -10.18 -7.23 14.93
N VAL A 153 -9.99 -5.93 14.73
CA VAL A 153 -10.11 -5.37 13.38
C VAL A 153 -9.08 -6.00 12.46
N LYS A 154 -9.56 -6.48 11.32
CA LYS A 154 -8.75 -7.14 10.32
C LYS A 154 -7.87 -6.18 9.54
N THR A 155 -6.67 -6.63 9.17
CA THR A 155 -5.72 -5.83 8.41
C THR A 155 -5.20 -6.63 7.21
N GLY A 156 -4.51 -5.95 6.30
CA GLY A 156 -3.99 -6.64 5.13
C GLY A 156 -4.93 -6.61 3.93
N TRP A 157 -4.68 -7.46 2.95
CA TRP A 157 -5.51 -7.53 1.75
C TRP A 157 -6.81 -8.28 1.96
N ILE A 158 -7.86 -7.81 1.30
CA ILE A 158 -9.18 -8.44 1.33
C ILE A 158 -9.85 -8.21 -0.02
N TYR A 159 -10.59 -9.22 -0.47
CA TYR A 159 -11.28 -9.14 -1.75
C TYR A 159 -12.76 -8.94 -1.42
N GLU A 160 -13.32 -7.81 -1.85
CA GLU A 160 -14.73 -7.51 -1.60
C GLU A 160 -15.42 -6.95 -2.83
N ASP A 161 -16.58 -7.50 -3.14
CA ASP A 161 -17.37 -7.08 -4.29
C ASP A 161 -16.54 -6.94 -5.56
N GLY A 162 -15.72 -7.94 -5.85
CA GLY A 162 -14.91 -7.93 -7.05
C GLY A 162 -13.67 -7.05 -7.09
N ASN A 163 -13.23 -6.58 -5.93
CA ASN A 163 -12.04 -5.73 -5.89
C ASN A 163 -11.17 -6.05 -4.70
N TRP A 164 -9.88 -5.75 -4.82
CA TRP A 164 -8.94 -5.96 -3.73
C TRP A 164 -8.79 -4.65 -2.97
N TYR A 165 -8.85 -4.70 -1.65
CA TYR A 165 -8.68 -3.53 -0.82
C TYR A 165 -7.56 -3.82 0.18
N TYR A 166 -6.79 -2.79 0.55
CA TYR A 166 -5.70 -2.97 1.50
C TYR A 166 -6.05 -2.28 2.81
N LEU A 167 -6.23 -3.07 3.86
CA LEU A 167 -6.54 -2.55 5.19
C LEU A 167 -5.21 -2.39 5.91
N ASN A 168 -4.83 -1.15 6.21
CA ASN A 168 -3.57 -0.84 6.88
C ASN A 168 -3.20 -1.75 8.03
N LYS A 169 -1.95 -2.19 8.04
CA LYS A 169 -1.43 -3.06 9.11
C LYS A 169 -0.62 -2.23 10.11
N LEU A 170 -0.09 -1.09 9.64
CA LEU A 170 0.75 -0.26 10.48
C LEU A 170 0.21 1.14 10.75
N GLY A 171 0.65 1.71 11.86
CA GLY A 171 0.27 3.05 12.26
C GLY A 171 1.37 3.98 11.80
N ASN A 172 1.43 5.19 12.35
CA ASN A 172 2.48 6.13 11.95
C ASN A 172 3.42 6.51 13.09
N PHE A 173 4.59 7.01 12.71
CA PHE A 173 5.60 7.46 13.65
C PHE A 173 6.07 6.38 14.60
N GLY A 174 6.74 6.80 15.67
CA GLY A 174 7.26 5.84 16.64
C GLY A 174 6.93 6.12 18.10
N ASP A 175 7.24 5.11 18.93
CA ASP A 175 7.04 5.11 20.37
C ASP A 175 6.16 6.18 21.00
N ASP A 176 6.78 7.27 21.45
CA ASP A 176 6.08 8.37 22.11
C ASP A 176 4.94 8.96 21.29
N SER A 177 5.18 9.21 20.01
CA SER A 177 4.16 9.80 19.13
C SER A 177 3.54 8.82 18.14
N TYR A 178 3.50 7.55 18.54
CA TYR A 178 2.92 6.51 17.70
C TYR A 178 1.42 6.78 17.49
N ASN A 179 0.93 6.48 16.30
CA ASN A 179 -0.46 6.70 15.94
C ASN A 179 -1.07 5.44 15.32
N PRO A 180 -1.91 4.71 16.06
CA PRO A 180 -2.55 3.49 15.56
C PRO A 180 -3.85 3.68 14.76
N LEU A 181 -4.40 4.90 14.78
CA LEU A 181 -5.63 5.23 14.06
C LEU A 181 -5.72 4.68 12.62
N PRO A 182 -4.64 4.77 11.84
CA PRO A 182 -4.63 4.27 10.46
C PRO A 182 -4.86 2.76 10.30
N ILE A 183 -4.53 2.00 11.33
CA ILE A 183 -4.67 0.55 11.28
C ILE A 183 -6.12 0.13 11.04
N GLY A 184 -6.30 -0.80 10.12
CA GLY A 184 -7.64 -1.29 9.81
C GLY A 184 -8.44 -0.44 8.84
N GLU A 185 -7.91 0.74 8.50
CA GLU A 185 -8.60 1.63 7.57
C GLU A 185 -8.28 1.24 6.12
N VAL A 186 -9.21 1.57 5.22
CA VAL A 186 -9.03 1.29 3.80
C VAL A 186 -7.99 2.28 3.25
N ALA A 187 -6.94 1.77 2.63
CA ALA A 187 -5.89 2.63 2.06
C ALA A 187 -6.32 3.28 0.74
N LYS A 188 -5.74 4.43 0.45
CA LYS A 188 -6.03 5.17 -0.78
C LYS A 188 -4.70 5.65 -1.36
N GLY A 189 -4.66 5.85 -2.69
CA GLY A 189 -3.45 6.33 -3.34
C GLY A 189 -2.29 5.36 -3.27
N TRP A 190 -1.08 5.87 -3.51
CA TRP A 190 0.11 5.02 -3.47
C TRP A 190 0.31 4.41 -2.10
N THR A 191 0.48 3.09 -2.07
CA THR A 191 0.66 2.35 -0.83
C THR A 191 1.65 1.22 -1.01
N GLN A 192 2.47 0.97 0.00
CA GLN A 192 3.44 -0.13 -0.07
C GLN A 192 2.97 -1.25 0.84
N ASP A 193 3.33 -2.48 0.49
CA ASP A 193 2.95 -3.63 1.28
C ASP A 193 4.21 -4.29 1.83
N PHE A 194 4.50 -4.03 3.10
CA PHE A 194 5.67 -4.60 3.76
C PHE A 194 5.36 -5.98 4.33
N ALA A 206 9.80 -3.16 -0.93
CA ALA A 206 8.36 -3.38 -0.75
C ALA A 206 7.62 -3.01 -2.03
N PRO A 207 6.74 -3.88 -2.52
CA PRO A 207 5.99 -3.59 -3.74
C PRO A 207 4.99 -2.45 -3.56
N TRP A 208 4.89 -1.57 -4.55
CA TRP A 208 3.96 -0.45 -4.50
C TRP A 208 2.65 -0.79 -5.18
N TYR A 209 1.56 -0.26 -4.64
CA TYR A 209 0.23 -0.47 -5.20
C TYR A 209 -0.48 0.87 -5.21
N TYR A 210 -1.57 0.96 -5.96
CA TYR A 210 -2.34 2.19 -6.02
C TYR A 210 -3.84 1.92 -5.89
N LEU A 211 -4.43 2.38 -4.78
CA LEU A 211 -5.86 2.19 -4.53
C LEU A 211 -6.56 3.47 -4.95
N ASP A 212 -7.70 3.34 -5.64
CA ASP A 212 -8.43 4.53 -6.10
C ASP A 212 -9.16 5.24 -4.97
N ALA A 213 -9.93 6.26 -5.33
CA ALA A 213 -10.69 7.04 -4.34
C ALA A 213 -11.53 6.24 -3.34
N SER A 214 -11.99 5.07 -3.75
CA SER A 214 -12.80 4.25 -2.86
C SER A 214 -11.99 3.11 -2.25
N GLY A 215 -10.71 3.05 -2.59
CA GLY A 215 -9.83 2.02 -2.07
C GLY A 215 -9.56 0.86 -3.02
N LYS A 216 -10.15 0.92 -4.21
CA LYS A 216 -9.96 -0.15 -5.19
C LYS A 216 -8.54 -0.23 -5.76
N MET A 217 -7.97 -1.43 -5.71
CA MET A 217 -6.62 -1.63 -6.23
C MET A 217 -6.68 -1.64 -7.75
N LEU A 218 -5.81 -0.85 -8.39
CA LEU A 218 -5.76 -0.81 -9.85
C LEU A 218 -4.90 -1.94 -10.43
N THR A 219 -5.22 -2.34 -11.67
CA THR A 219 -4.46 -3.38 -12.36
C THR A 219 -4.16 -2.93 -13.79
N ASP A 220 -3.20 -3.60 -14.44
CA ASP A 220 -2.80 -3.28 -15.81
C ASP A 220 -2.34 -1.83 -15.99
N TRP A 221 -2.56 -1.28 -17.18
CA TRP A 221 -2.15 0.10 -17.48
C TRP A 221 -3.09 1.12 -16.84
N GLN A 222 -2.51 2.07 -16.12
CA GLN A 222 -3.27 3.13 -15.46
C GLN A 222 -2.50 4.44 -15.50
N LYS A 223 -3.19 5.53 -15.80
CA LYS A 223 -2.53 6.82 -15.80
C LYS A 223 -2.82 7.48 -14.45
N VAL A 224 -1.75 7.85 -13.75
CA VAL A 224 -1.85 8.52 -12.45
C VAL A 224 -1.01 9.79 -12.50
N ASN A 225 -1.56 10.90 -12.05
CA ASN A 225 -0.84 12.19 -12.07
C ASN A 225 -0.22 12.44 -13.44
N GLY A 226 -1.00 12.15 -14.49
CA GLY A 226 -0.56 12.36 -15.86
C GLY A 226 0.40 11.35 -16.48
N LYS A 227 1.02 10.50 -15.66
CA LYS A 227 1.98 9.51 -16.15
C LYS A 227 1.39 8.10 -16.18
N TRP A 228 1.96 7.23 -17.01
CA TRP A 228 1.48 5.85 -17.09
C TRP A 228 2.22 4.89 -16.18
N TYR A 229 1.49 3.91 -15.66
CA TYR A 229 2.07 2.90 -14.79
C TYR A 229 1.43 1.56 -15.14
N TYR A 230 2.20 0.48 -15.02
CA TYR A 230 1.67 -0.84 -15.29
C TYR A 230 1.64 -1.61 -13.98
N PHE A 231 0.46 -2.08 -13.58
CA PHE A 231 0.32 -2.83 -12.34
C PHE A 231 0.15 -4.32 -12.57
N GLY A 232 0.23 -4.74 -13.83
CA GLY A 232 0.08 -6.15 -14.13
C GLY A 232 -1.26 -6.63 -13.59
N SER A 233 -1.42 -7.94 -13.44
CA SER A 233 -2.66 -8.48 -12.95
C SER A 233 -2.70 -8.68 -11.44
N SER A 234 -1.53 -8.70 -10.80
CA SER A 234 -1.48 -8.88 -9.35
C SER A 234 -1.62 -7.53 -8.63
N GLY A 235 -1.33 -6.45 -9.37
CA GLY A 235 -1.44 -5.12 -8.80
C GLY A 235 -0.10 -4.46 -8.48
N SER A 236 0.92 -5.25 -8.21
CA SER A 236 2.22 -4.67 -7.90
C SER A 236 2.72 -3.84 -9.08
N MET A 237 3.30 -2.68 -8.75
CA MET A 237 3.82 -1.77 -9.76
C MET A 237 5.08 -2.28 -10.44
N ALA A 238 5.08 -2.22 -11.77
CA ALA A 238 6.23 -2.67 -12.55
C ALA A 238 7.31 -1.59 -12.60
N THR A 239 8.57 -2.03 -12.56
CA THR A 239 9.71 -1.13 -12.63
C THR A 239 10.68 -1.72 -13.63
N GLY A 240 11.41 -0.86 -14.34
CA GLY A 240 12.36 -1.33 -15.33
C GLY A 240 11.67 -1.74 -16.62
N TRP A 241 12.35 -2.54 -17.44
CA TRP A 241 11.82 -3.01 -18.72
C TRP A 241 10.68 -4.02 -18.55
N LYS A 242 9.64 -3.89 -19.38
CA LYS A 242 8.51 -4.80 -19.34
C LYS A 242 7.90 -5.04 -20.73
N TYR A 243 7.71 -6.30 -21.06
CA TYR A 243 7.14 -6.71 -22.33
C TYR A 243 5.64 -6.86 -22.12
N VAL A 244 4.86 -5.96 -22.71
CA VAL A 244 3.41 -6.03 -22.55
C VAL A 244 2.70 -5.97 -23.90
N ARG A 245 1.87 -6.98 -24.17
CA ARG A 245 1.12 -7.08 -25.40
C ARG A 245 1.99 -6.89 -26.65
N GLY A 246 3.06 -7.69 -26.74
CA GLY A 246 3.94 -7.63 -27.90
C GLY A 246 4.84 -6.42 -28.08
N LYS A 247 5.00 -5.63 -27.03
CA LYS A 247 5.84 -4.44 -27.11
C LYS A 247 6.65 -4.27 -25.84
N TRP A 248 7.81 -3.63 -25.95
CA TRP A 248 8.65 -3.38 -24.79
C TRP A 248 8.43 -1.96 -24.29
N TYR A 249 8.36 -1.82 -22.98
CA TYR A 249 8.17 -0.52 -22.34
C TYR A 249 9.19 -0.42 -21.23
N TYR A 250 9.51 0.79 -20.82
CA TYR A 250 10.44 0.98 -19.73
C TYR A 250 9.81 1.82 -18.64
N LEU A 251 9.57 1.21 -17.50
CA LEU A 251 9.00 1.93 -16.37
C LEU A 251 10.20 2.34 -15.52
N ASP A 252 10.15 3.53 -14.94
CA ASP A 252 11.25 4.02 -14.11
C ASP A 252 11.67 2.91 -13.14
N ASN A 253 12.95 2.55 -13.20
CA ASN A 253 13.50 1.50 -12.35
C ASN A 253 13.25 1.72 -10.86
N LYS A 254 12.92 2.95 -10.48
CA LYS A 254 12.66 3.28 -9.08
C LYS A 254 11.22 3.71 -8.82
N ASN A 255 10.79 4.73 -9.55
CA ASN A 255 9.43 5.27 -9.37
C ASN A 255 8.34 4.64 -10.23
N GLY A 256 8.72 3.79 -11.17
CA GLY A 256 7.75 3.10 -12.01
C GLY A 256 7.08 3.84 -13.16
N ASP A 257 7.23 5.16 -13.24
CA ASP A 257 6.60 5.93 -14.31
C ASP A 257 7.18 5.61 -15.69
N MET A 258 6.28 5.34 -16.64
CA MET A 258 6.64 4.99 -18.01
C MET A 258 7.38 6.13 -18.70
N LYS A 259 8.42 5.80 -19.45
CA LYS A 259 9.19 6.81 -20.15
C LYS A 259 8.82 6.86 -21.63
N THR A 260 9.27 7.91 -22.32
CA THR A 260 9.03 8.07 -23.75
C THR A 260 10.24 8.78 -24.34
N GLY A 261 10.28 8.90 -25.67
CA GLY A 261 11.40 9.55 -26.32
C GLY A 261 12.73 8.84 -26.11
N TRP A 262 13.84 9.52 -26.40
CA TRP A 262 15.16 8.94 -26.22
C TRP A 262 15.48 8.68 -24.76
N GLN A 263 15.95 7.48 -24.46
CA GLN A 263 16.32 7.13 -23.10
C GLN A 263 17.67 6.42 -23.12
N TYR A 264 18.59 6.88 -22.29
CA TYR A 264 19.92 6.29 -22.20
C TYR A 264 19.87 5.27 -21.06
N LEU A 265 19.72 4.00 -21.42
CA LEU A 265 19.62 2.94 -20.43
C LEU A 265 20.75 1.93 -20.60
N GLY A 266 21.51 1.71 -19.54
CA GLY A 266 22.60 0.76 -19.59
C GLY A 266 23.64 1.07 -20.63
N ASN A 267 24.07 2.33 -20.68
CA ASN A 267 25.09 2.75 -21.63
C ASN A 267 24.65 2.42 -23.06
N LYS A 268 23.35 2.55 -23.31
CA LYS A 268 22.77 2.28 -24.62
C LYS A 268 21.56 3.20 -24.80
N TRP A 269 21.35 3.67 -26.03
CA TRP A 269 20.21 4.53 -26.31
C TRP A 269 19.06 3.72 -26.91
N TYR A 270 17.85 4.12 -26.55
CA TYR A 270 16.64 3.47 -27.05
C TYR A 270 15.60 4.56 -27.32
N TYR A 271 14.74 4.34 -28.29
CA TYR A 271 13.70 5.32 -28.58
C TYR A 271 12.35 4.71 -28.30
N LEU A 272 11.59 5.36 -27.41
CA LEU A 272 10.27 4.88 -27.04
C LEU A 272 9.24 5.84 -27.63
N ARG A 273 8.29 5.31 -28.38
CA ARG A 273 7.23 6.12 -29.01
C ARG A 273 6.46 6.90 -27.95
N SER A 274 5.63 7.85 -28.40
CA SER A 274 4.86 8.65 -27.45
C SER A 274 3.96 7.73 -26.62
N SER A 275 3.64 6.56 -27.19
CA SER A 275 2.80 5.58 -26.54
C SER A 275 3.63 4.81 -25.52
N GLY A 276 4.94 5.00 -25.56
CA GLY A 276 5.83 4.31 -24.64
C GLY A 276 6.46 3.05 -25.24
N ALA A 277 5.85 2.50 -26.28
CA ALA A 277 6.37 1.29 -26.91
C ALA A 277 7.72 1.49 -27.59
N MET A 278 8.64 0.57 -27.31
CA MET A 278 9.99 0.62 -27.89
C MET A 278 9.98 0.43 -29.40
N VAL A 279 10.88 1.13 -30.08
CA VAL A 279 11.00 1.06 -31.52
C VAL A 279 12.17 0.16 -31.95
N THR A 280 11.97 -0.56 -33.05
CA THR A 280 13.00 -1.43 -33.61
C THR A 280 12.99 -1.09 -35.09
N GLY A 281 14.15 -1.17 -35.73
CA GLY A 281 14.21 -0.82 -37.15
C GLY A 281 14.48 0.66 -37.36
N TRP A 282 14.31 1.14 -38.58
CA TRP A 282 14.57 2.55 -38.88
C TRP A 282 13.59 3.49 -38.20
N TYR A 283 14.12 4.61 -37.70
CA TYR A 283 13.29 5.62 -37.04
C TYR A 283 13.78 7.02 -37.43
N GLN A 284 12.86 7.84 -37.91
CA GLN A 284 13.22 9.20 -38.32
C GLN A 284 12.74 10.25 -37.30
N ASP A 285 13.70 10.98 -36.75
CA ASP A 285 13.43 12.05 -35.78
C ASP A 285 13.72 13.32 -36.56
N GLY A 286 12.67 14.03 -36.97
CA GLY A 286 12.88 15.21 -37.79
C GLY A 286 13.21 14.69 -39.17
N LEU A 287 14.42 14.97 -39.65
CA LEU A 287 14.85 14.48 -40.96
C LEU A 287 15.96 13.45 -40.75
N THR A 288 16.49 13.41 -39.53
CA THR A 288 17.58 12.52 -39.19
C THR A 288 17.14 11.09 -38.93
N TRP A 289 17.82 10.13 -39.56
CA TRP A 289 17.48 8.73 -39.38
C TRP A 289 18.32 8.03 -38.32
N TYR A 290 17.75 6.98 -37.74
CA TYR A 290 18.42 6.19 -36.71
C TYR A 290 18.04 4.73 -36.92
N TYR A 291 18.85 3.82 -36.39
CA TYR A 291 18.54 2.41 -36.50
C TYR A 291 18.59 1.74 -35.14
N LEU A 292 17.44 1.26 -34.69
CA LEU A 292 17.32 0.57 -33.42
C LEU A 292 17.40 -0.93 -33.72
N ASN A 293 18.32 -1.61 -33.04
CA ASN A 293 18.51 -3.05 -33.24
C ASN A 293 17.22 -3.84 -33.35
N ALA A 294 17.05 -4.52 -34.48
CA ALA A 294 15.88 -5.31 -34.79
C ALA A 294 15.28 -6.15 -33.67
N GLY A 295 16.10 -6.53 -32.70
CA GLY A 295 15.56 -7.33 -31.62
C GLY A 295 15.57 -6.67 -30.25
N ASN A 296 16.74 -6.28 -29.79
CA ASN A 296 16.88 -5.68 -28.47
C ASN A 296 16.45 -4.21 -28.43
N GLY A 297 16.58 -3.51 -29.55
CA GLY A 297 16.17 -2.11 -29.59
C GLY A 297 17.25 -1.05 -29.43
N ASP A 298 18.43 -1.44 -28.95
CA ASP A 298 19.49 -0.46 -28.74
C ASP A 298 19.96 0.22 -30.03
N MET A 299 20.20 1.53 -29.93
CA MET A 299 20.64 2.35 -31.06
C MET A 299 22.04 1.97 -31.53
N LYS A 300 22.20 1.79 -32.85
CA LYS A 300 23.49 1.42 -33.41
C LYS A 300 24.35 2.61 -33.85
N THR A 301 25.66 2.43 -33.75
CA THR A 301 26.62 3.45 -34.16
C THR A 301 27.67 2.73 -35.01
N GLY A 302 28.41 3.46 -35.84
CA GLY A 302 29.41 2.83 -36.68
C GLY A 302 28.79 2.19 -37.92
N TRP A 303 29.57 1.44 -38.69
CA TRP A 303 29.01 0.80 -39.89
C TRP A 303 28.13 -0.37 -39.49
N PHE A 304 27.04 -0.55 -40.21
CA PHE A 304 26.12 -1.65 -39.95
C PHE A 304 25.39 -2.03 -41.23
N GLN A 305 25.04 -3.31 -41.34
CA GLN A 305 24.36 -3.83 -42.53
C GLN A 305 22.88 -4.08 -42.31
N VAL A 306 22.08 -3.75 -43.32
CA VAL A 306 20.64 -3.95 -43.28
C VAL A 306 20.22 -4.44 -44.67
N ASN A 307 20.03 -5.75 -44.79
CA ASN A 307 19.64 -6.38 -46.06
C ASN A 307 20.75 -6.20 -47.09
N GLY A 308 21.95 -6.64 -46.73
CA GLY A 308 23.08 -6.51 -47.63
C GLY A 308 23.66 -5.11 -47.70
N LYS A 309 22.79 -4.11 -47.72
CA LYS A 309 23.22 -2.72 -47.81
C LYS A 309 23.95 -2.23 -46.57
N TRP A 310 25.00 -1.42 -46.78
CA TRP A 310 25.78 -0.88 -45.67
C TRP A 310 25.42 0.56 -45.33
N TYR A 311 25.32 0.84 -44.03
CA TYR A 311 24.98 2.18 -43.56
C TYR A 311 25.94 2.57 -42.42
N TYR A 312 26.15 3.87 -42.24
CA TYR A 312 27.02 4.35 -41.19
C TYR A 312 26.32 5.39 -40.32
N ALA A 313 26.36 5.17 -39.01
CA ALA A 313 25.76 6.11 -38.07
C ALA A 313 26.86 6.76 -37.23
N TYR A 314 26.75 8.08 -37.01
CA TYR A 314 27.74 8.79 -36.21
C TYR A 314 27.61 8.37 -34.75
N SER A 315 28.41 8.97 -33.87
CA SER A 315 28.37 8.62 -32.45
C SER A 315 27.08 9.06 -31.76
N SER A 316 26.28 9.86 -32.45
CA SER A 316 25.03 10.35 -31.89
C SER A 316 23.86 9.52 -32.44
N GLY A 317 24.16 8.67 -33.40
CA GLY A 317 23.14 7.84 -34.02
C GLY A 317 22.72 8.36 -35.40
N ALA A 318 22.92 9.66 -35.63
CA ALA A 318 22.56 10.27 -36.90
C ALA A 318 23.11 9.52 -38.12
N LEU A 319 22.21 9.10 -39.00
CA LEU A 319 22.57 8.38 -40.21
C LEU A 319 23.30 9.32 -41.17
N ALA A 320 24.43 8.86 -41.71
CA ALA A 320 25.19 9.65 -42.66
C ALA A 320 24.52 9.56 -44.02
N VAL A 321 24.34 10.70 -44.66
CA VAL A 321 23.70 10.71 -45.98
C VAL A 321 24.32 11.72 -46.94
N ASN A 322 24.39 11.32 -48.21
CA ASN A 322 24.94 12.15 -49.27
C ASN A 322 26.25 12.85 -48.89
N THR A 323 27.26 12.03 -48.61
CA THR A 323 28.59 12.54 -48.25
C THR A 323 29.54 11.36 -48.27
N THR A 324 30.71 11.51 -47.66
CA THR A 324 31.65 10.42 -47.61
C THR A 324 31.97 10.18 -46.14
N VAL A 325 32.21 8.92 -45.82
CA VAL A 325 32.54 8.53 -44.46
C VAL A 325 33.85 7.77 -44.53
N ASP A 326 34.94 8.42 -44.10
CA ASP A 326 36.25 7.81 -44.14
C ASP A 326 36.60 7.37 -45.56
N GLY A 327 36.02 8.05 -46.55
CA GLY A 327 36.32 7.73 -47.93
C GLY A 327 35.22 7.02 -48.69
N TYR A 328 34.36 6.28 -47.99
CA TYR A 328 33.26 5.58 -48.65
C TYR A 328 32.09 6.50 -48.90
N SER A 329 31.55 6.45 -50.12
CA SER A 329 30.42 7.29 -50.49
C SER A 329 29.10 6.70 -50.01
N VAL A 330 28.23 7.55 -49.48
CA VAL A 330 26.91 7.11 -49.05
C VAL A 330 25.91 8.01 -49.76
N ASN A 331 24.87 7.41 -50.34
CA ASN A 331 23.87 8.19 -51.09
C ASN A 331 22.82 8.90 -50.26
N TYR A 332 21.70 9.24 -50.89
CA TYR A 332 20.63 9.95 -50.19
C TYR A 332 19.90 9.10 -49.15
N ASN A 333 20.00 7.78 -49.28
CA ASN A 333 19.36 6.87 -48.32
C ASN A 333 20.40 6.44 -47.29
N GLY A 334 21.62 6.94 -47.46
CA GLY A 334 22.70 6.58 -46.55
C GLY A 334 23.39 5.30 -46.97
N GLU A 335 22.92 4.71 -48.07
CA GLU A 335 23.51 3.48 -48.59
C GLU A 335 24.93 3.70 -49.06
N TRP A 336 25.80 2.73 -48.78
CA TRP A 336 27.17 2.86 -49.23
C TRP A 336 27.21 2.49 -50.70
N VAL A 337 27.42 3.50 -51.55
CA VAL A 337 27.50 3.31 -52.99
C VAL A 337 28.95 3.48 -53.42
N GLN A 338 29.27 3.04 -54.62
CA GLN A 338 30.64 3.17 -55.12
C GLN A 338 30.85 4.51 -55.81
C4 CHT B . -0.83 -10.50 -5.57
C5 CHT B . -2.31 -10.34 -5.00
C6 CHT B . -3.24 -9.86 -2.72
C7 CHT B . -1.53 -8.39 -3.55
C8 CHT B . -3.74 -8.40 -4.53
O6 CHT B . -0.05 -11.12 -4.60
N1 CHT B . -2.69 -9.26 -3.94
C4 CHT C . 31.96 -2.26 -43.26
C5 CHT C . 31.89 -1.70 -44.74
C6 CHT C . 32.24 0.57 -45.74
C7 CHT C . 33.92 -0.27 -44.25
C8 CHT C . 33.61 -1.26 -46.42
O6 CHT C . 32.76 -3.40 -43.29
N1 CHT C . 32.89 -0.66 -45.28
C4 CHT D . 14.91 6.04 -47.03
C5 CHT D . 16.19 5.50 -46.26
C6 CHT D . 16.67 5.05 -43.86
C7 CHT D . 14.67 4.10 -44.77
C8 CHT D . 16.85 3.28 -45.42
O6 CHT D . 14.47 5.02 -47.88
N1 CHT D . 16.10 4.50 -45.07
C4 CHT E . 17.31 -3.98 -22.88
C5 CHT E . 16.52 -4.30 -24.22
C6 CHT E . 15.29 -6.30 -25.06
C7 CHT E . 14.77 -5.53 -22.85
C8 CHT E . 14.13 -4.24 -24.79
O6 CHT E . 18.11 -5.08 -22.60
N1 CHT E . 15.19 -5.10 -24.23
C4 CHT F . 5.80 7.87 -8.27
C5 CHT F . 5.06 6.79 -7.35
C6 CHT F . 5.76 4.57 -6.43
C7 CHT F . 7.26 6.41 -6.11
C8 CHT F . 5.14 6.32 -4.94
O6 CHT F . 5.35 9.13 -7.85
N1 CHT F . 5.81 6.02 -6.22
C4 CHT G . 22.52 12.57 -28.42
C5 CHT G . 21.86 11.56 -29.45
C6 CHT G . 20.51 9.47 -29.22
C7 CHT G . 19.80 11.39 -27.97
C8 CHT G . 19.59 11.33 -30.38
O6 CHT G . 23.90 12.36 -28.40
N1 CHT G . 20.46 10.93 -29.24
C4 CHT H . -0.92 4.92 -24.93
C5 CHT H . -0.54 4.39 -23.48
C6 CHT H . -1.21 2.38 -22.19
C7 CHT H . -0.42 2.01 -24.41
C8 CHT H . 1.10 2.74 -22.66
O6 CHT H . -2.03 5.76 -24.78
N1 CHT H . -0.28 2.88 -23.19
#